data_9LGW
#
_entry.id   9LGW
#
_cell.length_a   1.00
_cell.length_b   1.00
_cell.length_c   1.00
_cell.angle_alpha   90.00
_cell.angle_beta   90.00
_cell.angle_gamma   90.00
#
_symmetry.space_group_name_H-M   'P 1'
#
loop_
_entity.id
_entity.type
_entity.pdbx_description
1 polymer 'Piwi domain-containing protein'
2 polymer 'SiAgo-associated protein1, SiAga1'
#
loop_
_entity_poly.entity_id
_entity_poly.type
_entity_poly.pdbx_seq_one_letter_code
_entity_poly.pdbx_strand_id
1 'polypeptide(L)'
;MSEYATILPENKINVIFRSNNKYHVPEFITVFKPYEGRDINLQVLVVNGDNEIYDLTKLLFYEIYVKDDTKYPWPYTKTR
GGISRVFGIRYNFDPSTISRININSENDFISSISNQLDMNRFNVAVIIANRKLTKEFHDKTKAALIGSRIRTQFVTFTTL
KRLKNRKYKATIPLPLAVQLIAKAGGTPWIVDSSIYNDLSKNVSSNGMLMGIAFARTRKDKITYSVGYFTTLNNYYQRFD
VQPINESAPITDSTEGLYVPKEAMVKTLESGIGWYKNIIGITPPLLIIFKTSPMHKDEKEAIEAVLGKDIKWVFIHAQYN
TPVRIFGNKEDDYKVNRGTVIIKKRKRWNPNNGDYLHSEIVITATGKYRKPSTKNPSETEERYISGTPRPITLNVYSSFD
VNPIGVAELTLSQIKADWEHPDIRKRKITVLKYANRMAKIIQYINNLSSVPSVDVRDVL
;
A
2 'polypeptide(L)'
;MVLESNMFKTEQELPELIVNCIEIDNEKEAHKVVKEISKYGIFGVVREKKIFFTTVIEDDDFLKDRLTEVLKNYNINFSD
IKKNCKKIIPEDNKDYFSQIFLNALRYVIYQKLEDINKDKKENERWTINESEDGVYICKERYDIDNYKICVGAKFTIKVF
DNKAELYVDRKLKLYDEDKKLTRKLRGKINKMSVVEPKTRYEFIREIIQEISGNFDYINIKLSKDYTVNMTRTKLNEKLP
TPF
;
B
#
# COMPACT_ATOMS: atom_id res chain seq x y z
N MET A 1 -16.66 -14.29 -14.24
CA MET A 1 -16.63 -13.00 -14.98
C MET A 1 -15.23 -12.40 -14.95
N SER A 2 -14.89 -11.62 -15.97
CA SER A 2 -13.55 -11.04 -16.08
C SER A 2 -13.40 -9.75 -15.30
N GLU A 3 -14.49 -9.12 -14.88
CA GLU A 3 -14.42 -7.87 -14.13
C GLU A 3 -15.65 -7.83 -13.23
N TYR A 4 -15.48 -8.17 -11.96
CA TYR A 4 -16.60 -8.24 -11.05
C TYR A 4 -16.17 -7.77 -9.67
N ALA A 5 -17.08 -7.89 -8.71
CA ALA A 5 -16.86 -7.48 -7.33
C ALA A 5 -17.31 -8.60 -6.41
N THR A 6 -16.78 -8.59 -5.20
CA THR A 6 -17.10 -9.60 -4.21
C THR A 6 -16.86 -9.03 -2.82
N ILE A 7 -17.13 -9.84 -1.80
CA ILE A 7 -16.87 -9.48 -0.41
C ILE A 7 -16.03 -10.59 0.19
N LEU A 8 -14.89 -10.22 0.78
CA LEU A 8 -13.99 -11.17 1.44
C LEU A 8 -13.93 -10.80 2.92
N PRO A 9 -14.76 -11.41 3.75
CA PRO A 9 -14.80 -11.01 5.17
C PRO A 9 -13.52 -11.40 5.89
N GLU A 10 -13.20 -10.62 6.92
CA GLU A 10 -12.01 -10.88 7.73
C GLU A 10 -12.10 -12.22 8.45
N ASN A 11 -13.31 -12.74 8.66
CA ASN A 11 -13.46 -13.99 9.39
C ASN A 11 -12.83 -15.17 8.67
N LYS A 12 -12.64 -15.09 7.35
CA LYS A 12 -11.97 -16.15 6.61
C LYS A 12 -10.48 -16.17 6.85
N ILE A 13 -9.89 -15.04 7.23
CA ILE A 13 -8.49 -14.98 7.62
C ILE A 13 -8.44 -14.95 9.15
N ASN A 14 -7.26 -15.27 9.70
CA ASN A 14 -7.17 -15.50 11.12
C ASN A 14 -5.74 -15.27 11.59
N VAL A 15 -5.59 -15.23 12.91
CA VAL A 15 -4.31 -15.25 13.59
C VAL A 15 -4.42 -16.25 14.74
N ILE A 16 -3.29 -16.82 15.13
CA ILE A 16 -3.26 -17.95 16.05
C ILE A 16 -2.69 -17.47 17.38
N PHE A 17 -3.18 -18.07 18.47
CA PHE A 17 -2.76 -17.73 19.82
C PHE A 17 -2.46 -19.02 20.59
N ARG A 18 -2.29 -18.92 21.90
CA ARG A 18 -1.94 -20.08 22.71
C ARG A 18 -2.93 -21.21 22.47
N SER A 19 -2.40 -22.42 22.38
CA SER A 19 -3.23 -23.62 22.24
C SER A 19 -4.15 -23.53 21.02
N ASN A 20 -3.61 -23.03 19.91
CA ASN A 20 -4.33 -22.99 18.64
C ASN A 20 -5.67 -22.25 18.77
N ASN A 21 -5.66 -21.14 19.51
CA ASN A 21 -6.83 -20.29 19.61
C ASN A 21 -6.86 -19.35 18.40
N LYS A 22 -7.92 -19.46 17.60
CA LYS A 22 -8.00 -18.77 16.32
C LYS A 22 -9.13 -17.74 16.34
N TYR A 23 -8.79 -16.50 15.97
CA TYR A 23 -9.81 -15.49 15.73
C TYR A 23 -9.23 -14.45 14.79
N HIS A 24 -10.11 -13.86 13.97
CA HIS A 24 -9.70 -12.93 12.94
C HIS A 24 -9.28 -11.58 13.50
N VAL A 25 -9.48 -11.32 14.78
CA VAL A 25 -9.21 -10.01 15.37
C VAL A 25 -7.86 -10.07 16.07
N PRO A 26 -6.83 -9.40 15.57
CA PRO A 26 -5.54 -9.38 16.29
C PRO A 26 -5.64 -8.80 17.68
N GLU A 27 -6.49 -7.79 17.87
CA GLU A 27 -6.62 -7.14 19.16
C GLU A 27 -7.12 -8.10 20.23
N PHE A 28 -7.58 -9.28 19.86
CA PHE A 28 -7.96 -10.30 20.82
C PHE A 28 -6.75 -11.04 21.38
N ILE A 29 -5.54 -10.50 21.21
CA ILE A 29 -4.40 -11.03 21.96
C ILE A 29 -4.69 -10.98 23.45
N THR A 30 -5.51 -10.03 23.89
CA THR A 30 -5.87 -9.95 25.29
C THR A 30 -6.79 -11.08 25.72
N VAL A 31 -7.55 -11.65 24.80
CA VAL A 31 -8.47 -12.73 25.13
C VAL A 31 -7.76 -14.07 25.17
N PHE A 32 -7.08 -14.43 24.08
CA PHE A 32 -6.39 -15.71 23.95
C PHE A 32 -4.93 -15.64 24.38
N LYS A 33 -4.47 -14.47 24.82
CA LYS A 33 -3.11 -14.30 25.33
C LYS A 33 -2.10 -14.52 24.20
N PRO A 34 -0.88 -13.98 24.33
CA PRO A 34 0.10 -14.11 23.23
C PRO A 34 0.39 -15.56 22.88
N TYR A 35 0.47 -15.83 21.58
CA TYR A 35 0.70 -17.17 21.05
C TYR A 35 1.84 -17.88 21.77
N GLU A 36 3.03 -17.27 21.77
CA GLU A 36 4.21 -17.85 22.41
C GLU A 36 4.93 -16.72 23.16
N GLY A 37 4.54 -16.50 24.42
CA GLY A 37 5.02 -15.36 25.16
C GLY A 37 6.33 -15.62 25.89
N ARG A 38 6.89 -14.54 26.43
CA ARG A 38 8.12 -14.58 27.22
C ARG A 38 7.93 -13.69 28.45
N ASP A 39 9.02 -13.40 29.14
CA ASP A 39 9.00 -12.50 30.29
C ASP A 39 9.58 -11.15 29.92
N ILE A 40 8.92 -10.09 30.37
CA ILE A 40 9.34 -8.72 30.08
C ILE A 40 9.99 -8.15 31.33
N ASN A 41 11.24 -7.71 31.19
CA ASN A 41 11.96 -7.00 32.25
C ASN A 41 12.19 -5.58 31.73
N LEU A 42 11.35 -4.66 32.16
CA LEU A 42 11.28 -3.34 31.56
C LEU A 42 12.29 -2.38 32.17
N GLN A 43 12.72 -1.42 31.35
CA GLN A 43 13.62 -0.35 31.79
C GLN A 43 13.18 0.93 31.08
N VAL A 44 12.57 1.84 31.81
CA VAL A 44 12.04 3.08 31.25
C VAL A 44 13.05 4.19 31.48
N LEU A 45 13.34 4.95 30.43
CA LEU A 45 14.35 6.00 30.46
C LEU A 45 13.71 7.28 29.93
N VAL A 46 13.15 8.09 30.83
CA VAL A 46 12.51 9.34 30.45
C VAL A 46 13.58 10.38 30.16
N VAL A 47 13.42 11.11 29.06
CA VAL A 47 14.44 12.03 28.56
C VAL A 47 13.83 13.41 28.45
N ASN A 48 14.39 14.37 29.18
CA ASN A 48 13.98 15.76 29.13
C ASN A 48 12.46 15.90 29.29
N GLY A 49 11.98 15.49 30.46
CA GLY A 49 10.58 15.62 30.78
C GLY A 49 10.33 16.40 32.05
N ASP A 50 9.19 17.09 32.13
CA ASP A 50 8.79 17.80 33.33
C ASP A 50 8.11 16.83 34.29
N ASN A 51 7.75 17.33 35.47
CA ASN A 51 7.19 16.46 36.50
C ASN A 51 5.99 15.69 35.99
N GLU A 52 5.02 16.40 35.40
CA GLU A 52 3.79 15.74 34.95
C GLU A 52 4.11 14.56 34.03
N ILE A 53 5.16 14.68 33.23
CA ILE A 53 5.53 13.59 32.34
C ILE A 53 5.98 12.38 33.15
N TYR A 54 6.69 12.60 34.26
CA TYR A 54 7.11 11.49 35.08
C TYR A 54 5.94 10.86 35.84
N ASP A 55 4.99 11.67 36.29
CA ASP A 55 3.78 11.08 36.87
C ASP A 55 3.02 10.27 35.83
N LEU A 56 2.96 10.75 34.59
CA LEU A 56 2.33 9.99 33.52
C LEU A 56 3.09 8.70 33.23
N THR A 57 4.43 8.75 33.27
CA THR A 57 5.22 7.56 33.05
C THR A 57 4.94 6.52 34.13
N LYS A 58 4.91 6.95 35.39
CA LYS A 58 4.56 6.04 36.47
C LYS A 58 3.15 5.51 36.31
N LEU A 59 2.21 6.38 35.92
CA LEU A 59 0.84 5.94 35.71
C LEU A 59 0.80 4.82 34.68
N LEU A 60 1.40 5.04 33.51
CA LEU A 60 1.32 4.07 32.43
C LEU A 60 2.05 2.78 32.80
N PHE A 61 3.35 2.86 33.05
CA PHE A 61 4.15 1.65 33.15
C PHE A 61 4.12 1.00 34.52
N TYR A 62 3.59 1.67 35.55
CA TYR A 62 3.50 1.08 36.88
C TYR A 62 2.06 0.81 37.30
N GLU A 63 1.19 1.81 37.30
CA GLU A 63 -0.16 1.59 37.82
C GLU A 63 -1.02 0.81 36.83
N ILE A 64 -0.95 1.16 35.54
CA ILE A 64 -1.77 0.47 34.55
C ILE A 64 -1.21 -0.91 34.23
N TYR A 65 0.12 -1.05 34.21
CA TYR A 65 0.74 -2.30 33.80
C TYR A 65 1.11 -3.22 34.96
N VAL A 66 1.13 -2.73 36.20
CA VAL A 66 1.51 -3.56 37.34
C VAL A 66 0.41 -3.58 38.39
N LYS A 67 0.09 -2.40 38.92
CA LYS A 67 -0.77 -2.32 40.09
C LYS A 67 -2.15 -2.88 39.79
N ASP A 68 -2.56 -3.88 40.56
CA ASP A 68 -3.89 -4.45 40.42
C ASP A 68 -4.95 -3.57 41.07
N ASP A 69 -4.57 -2.76 42.05
CA ASP A 69 -5.53 -1.83 42.64
C ASP A 69 -6.04 -0.85 41.59
N THR A 70 -5.17 -0.38 40.71
CA THR A 70 -5.58 0.43 39.57
C THR A 70 -6.23 -0.46 38.52
N LYS A 71 -7.53 -0.68 38.66
CA LYS A 71 -8.27 -1.65 37.85
C LYS A 71 -8.53 -1.03 36.47
N TYR A 72 -7.52 -1.11 35.63
CA TYR A 72 -7.64 -0.58 34.28
C TYR A 72 -8.42 -1.55 33.39
N PRO A 73 -9.47 -1.09 32.70
CA PRO A 73 -10.16 -1.97 31.76
C PRO A 73 -9.40 -2.07 30.45
N TRP A 74 -9.35 -3.28 29.92
CA TRP A 74 -8.66 -3.56 28.68
C TRP A 74 -9.65 -3.74 27.54
N PRO A 75 -9.20 -3.57 26.28
CA PRO A 75 -10.16 -3.53 25.16
C PRO A 75 -11.15 -4.68 25.14
N TYR A 76 -10.71 -5.93 25.12
CA TYR A 76 -11.59 -7.07 24.96
C TYR A 76 -11.28 -8.12 26.02
N THR A 77 -12.32 -8.81 26.47
CA THR A 77 -12.21 -9.84 27.50
C THR A 77 -11.23 -9.39 28.59
N LYS A 78 -11.60 -8.28 29.22
CA LYS A 78 -10.81 -7.68 30.27
C LYS A 78 -11.20 -8.26 31.62
N THR A 79 -10.23 -8.32 32.54
CA THR A 79 -10.54 -8.51 33.94
C THR A 79 -10.12 -7.28 34.76
N ARG A 80 -8.82 -6.99 34.84
CA ARG A 80 -8.34 -5.73 35.40
C ARG A 80 -6.82 -5.72 35.52
N GLY A 81 -6.27 -4.60 35.94
CA GLY A 81 -4.94 -4.55 36.54
C GLY A 81 -3.78 -4.24 35.64
N GLY A 82 -3.32 -5.18 34.82
CA GLY A 82 -2.12 -4.93 34.06
C GLY A 82 -1.63 -6.17 33.33
N ILE A 83 -0.37 -6.06 32.87
CA ILE A 83 0.16 -7.02 31.92
C ILE A 83 0.17 -8.43 32.51
N SER A 84 0.64 -8.56 33.75
CA SER A 84 0.89 -9.88 34.31
C SER A 84 -0.36 -10.74 34.37
N ARG A 85 -1.54 -10.14 34.43
CA ARG A 85 -2.78 -10.90 34.58
C ARG A 85 -3.42 -11.24 33.25
N VAL A 86 -3.73 -10.22 32.44
CA VAL A 86 -4.47 -10.46 31.20
C VAL A 86 -3.63 -11.28 30.22
N PHE A 87 -2.34 -10.97 30.10
CA PHE A 87 -1.48 -11.64 29.13
C PHE A 87 -0.83 -12.90 29.66
N GLY A 88 -0.86 -13.13 30.97
CA GLY A 88 -0.24 -14.34 31.50
C GLY A 88 1.25 -14.41 31.25
N ILE A 89 1.95 -13.29 31.42
CA ILE A 89 3.41 -13.24 31.29
C ILE A 89 3.96 -12.50 32.50
N ARG A 90 5.27 -12.65 32.70
CA ARG A 90 5.94 -12.07 33.85
C ARG A 90 6.42 -10.67 33.48
N TYR A 91 5.63 -9.67 33.87
CA TYR A 91 6.00 -8.27 33.66
C TYR A 91 6.58 -7.70 34.94
N ASN A 92 7.81 -7.20 34.85
CA ASN A 92 8.53 -6.67 36.01
C ASN A 92 8.98 -5.25 35.72
N PHE A 93 8.50 -4.31 36.53
CA PHE A 93 8.93 -2.92 36.41
C PHE A 93 8.95 -2.30 37.80
N ASP A 94 10.05 -1.61 38.11
CA ASP A 94 10.19 -0.91 39.38
C ASP A 94 10.11 0.60 39.11
N PRO A 95 9.07 1.29 39.54
CA PRO A 95 8.98 2.73 39.23
C PRO A 95 10.10 3.54 39.84
N SER A 96 10.70 3.08 40.94
CA SER A 96 11.80 3.80 41.56
C SER A 96 13.07 3.77 40.72
N THR A 97 13.16 2.88 39.74
CA THR A 97 14.34 2.73 38.91
C THR A 97 14.29 3.57 37.64
N ILE A 98 13.20 4.32 37.41
CA ILE A 98 13.10 5.13 36.20
C ILE A 98 14.29 6.07 36.13
N SER A 99 14.98 6.06 34.99
CA SER A 99 16.18 6.84 34.80
C SER A 99 15.85 8.20 34.20
N ARG A 100 16.40 9.25 34.80
CA ARG A 100 16.24 10.61 34.32
C ARG A 100 17.50 11.00 33.57
N ILE A 101 17.35 11.31 32.29
CA ILE A 101 18.47 11.67 31.42
C ILE A 101 18.24 13.06 30.89
N ASN A 102 19.24 13.92 31.03
CA ASN A 102 19.19 15.29 30.53
C ASN A 102 20.11 15.37 29.31
N ILE A 103 19.55 15.07 28.15
CA ILE A 103 20.33 15.08 26.90
C ILE A 103 20.36 16.50 26.34
N ASP A 108 24.58 12.13 20.76
CA ASP A 108 24.74 12.21 22.20
C ASP A 108 23.54 11.57 22.88
N PHE A 109 22.39 11.56 22.20
CA PHE A 109 21.22 10.84 22.71
C PHE A 109 21.51 9.36 22.84
N ILE A 110 22.10 8.77 21.80
CA ILE A 110 22.32 7.33 21.79
C ILE A 110 23.31 6.93 22.88
N SER A 111 24.40 7.69 23.03
CA SER A 111 25.37 7.38 24.07
C SER A 111 24.73 7.48 25.46
N SER A 112 23.94 8.53 25.68
CA SER A 112 23.30 8.72 26.97
C SER A 112 22.35 7.57 27.28
N ILE A 113 21.57 7.14 26.28
CA ILE A 113 20.72 5.97 26.49
C ILE A 113 21.56 4.74 26.79
N SER A 114 22.64 4.54 26.03
CA SER A 114 23.41 3.30 26.14
C SER A 114 24.04 3.17 27.53
N ASN A 115 24.57 4.26 28.07
CA ASN A 115 25.17 4.17 29.40
C ASN A 115 24.14 3.77 30.45
N GLN A 116 22.86 4.02 30.19
CA GLN A 116 21.79 3.71 31.13
C GLN A 116 21.14 2.36 30.88
N LEU A 117 21.58 1.62 29.86
CA LEU A 117 21.02 0.31 29.57
C LEU A 117 21.78 -0.77 30.31
N ASP A 118 21.04 -1.68 30.95
CA ASP A 118 21.61 -2.79 31.70
C ASP A 118 21.05 -4.07 31.09
N MET A 119 21.79 -4.65 30.14
CA MET A 119 21.31 -5.84 29.44
C MET A 119 21.26 -7.06 30.35
N ASN A 120 22.05 -7.08 31.41
CA ASN A 120 22.07 -8.22 32.32
C ASN A 120 20.81 -8.32 33.17
N ARG A 121 20.12 -7.20 33.39
CA ARG A 121 18.92 -7.17 34.21
C ARG A 121 17.63 -7.08 33.43
N PHE A 122 17.63 -6.42 32.27
CA PHE A 122 16.41 -6.10 31.55
C PHE A 122 16.49 -6.62 30.12
N ASN A 123 15.33 -7.07 29.62
CA ASN A 123 15.16 -7.47 28.23
C ASN A 123 14.69 -6.32 27.35
N VAL A 124 13.85 -5.45 27.88
CA VAL A 124 13.24 -4.37 27.12
C VAL A 124 13.66 -3.06 27.76
N ALA A 125 13.82 -2.02 26.94
CA ALA A 125 14.24 -0.70 27.40
C ALA A 125 13.39 0.35 26.71
N VAL A 126 12.25 0.70 27.32
CA VAL A 126 11.41 1.76 26.77
C VAL A 126 12.12 3.09 26.92
N ILE A 127 12.11 3.90 25.86
CA ILE A 127 12.75 5.20 25.85
C ILE A 127 11.66 6.24 25.60
N ILE A 128 11.49 7.16 26.55
CA ILE A 128 10.44 8.17 26.49
C ILE A 128 11.09 9.52 26.22
N ALA A 129 10.55 10.25 25.25
CA ALA A 129 11.07 11.56 24.88
C ALA A 129 10.03 12.25 24.00
N ASN A 130 10.26 13.53 23.72
CA ASN A 130 9.34 14.27 22.88
C ASN A 130 9.39 13.74 21.44
N ARG A 131 8.50 14.26 20.60
CA ARG A 131 8.37 13.74 19.24
C ARG A 131 9.64 13.93 18.44
N LYS A 132 10.33 15.06 18.61
CA LYS A 132 11.53 15.33 17.83
C LYS A 132 12.61 14.30 18.10
N LEU A 133 12.79 13.91 19.37
CA LEU A 133 13.79 12.91 19.69
C LEU A 133 13.34 11.52 19.27
N THR A 134 12.07 11.20 19.45
CA THR A 134 11.56 9.90 19.04
C THR A 134 11.57 9.72 17.54
N LYS A 135 11.77 10.79 16.77
CA LYS A 135 11.87 10.70 15.32
C LYS A 135 13.31 10.69 14.83
N GLU A 136 14.16 11.54 15.42
CA GLU A 136 15.55 11.61 14.98
C GLU A 136 16.33 10.36 15.39
N PHE A 137 16.00 9.78 16.54
CA PHE A 137 16.79 8.73 17.15
C PHE A 137 16.00 7.43 17.33
N HIS A 138 15.03 7.16 16.46
CA HIS A 138 14.33 5.88 16.52
C HIS A 138 15.10 4.80 15.77
N ASP A 139 15.26 4.98 14.45
CA ASP A 139 15.96 3.98 13.65
C ASP A 139 17.42 3.89 14.04
N LYS A 140 18.04 5.02 14.35
CA LYS A 140 19.43 4.99 14.78
C LYS A 140 19.59 4.13 16.03
N THR A 141 18.69 4.30 17.00
CA THR A 141 18.72 3.46 18.20
C THR A 141 18.49 1.99 17.86
N LYS A 142 17.51 1.71 17.00
CA LYS A 142 17.22 0.31 16.68
C LYS A 142 18.42 -0.35 16.04
N ALA A 143 19.13 0.36 15.16
CA ALA A 143 20.30 -0.21 14.50
C ALA A 143 21.46 -0.35 15.48
N ALA A 144 21.67 0.66 16.34
CA ALA A 144 22.81 0.65 17.23
C ALA A 144 22.75 -0.46 18.27
N LEU A 145 21.58 -1.06 18.48
CA LEU A 145 21.39 -2.12 19.47
C LEU A 145 21.01 -3.44 18.79
N ILE A 146 21.64 -3.74 17.66
CA ILE A 146 21.42 -5.00 16.97
C ILE A 146 22.36 -6.04 17.55
N GLY A 147 21.79 -7.15 18.02
CA GLY A 147 22.55 -8.21 18.64
C GLY A 147 22.59 -8.14 20.15
N SER A 148 22.31 -6.98 20.74
CA SER A 148 22.26 -6.85 22.19
C SER A 148 20.97 -7.48 22.72
N ARG A 149 21.01 -7.85 24.00
CA ARG A 149 19.83 -8.45 24.62
C ARG A 149 18.67 -7.47 24.67
N ILE A 150 18.94 -6.21 25.00
CA ILE A 150 17.88 -5.23 25.19
C ILE A 150 17.34 -4.78 23.84
N ARG A 151 16.01 -4.76 23.73
CA ARG A 151 15.30 -4.18 22.60
C ARG A 151 14.55 -2.95 23.08
N THR A 152 14.71 -1.83 22.38
CA THR A 152 14.12 -0.57 22.78
C THR A 152 12.73 -0.40 22.21
N GLN A 153 11.90 0.37 22.93
CA GLN A 153 10.52 0.64 22.55
C GLN A 153 10.25 2.12 22.81
N PHE A 154 10.21 2.92 21.76
CA PHE A 154 10.05 4.36 21.91
C PHE A 154 8.61 4.73 22.18
N VAL A 155 8.42 5.69 23.09
CA VAL A 155 7.11 6.25 23.42
C VAL A 155 7.28 7.76 23.53
N THR A 156 6.39 8.51 22.87
CA THR A 156 6.47 9.96 22.86
C THR A 156 5.76 10.56 24.06
N PHE A 157 6.08 11.82 24.34
CA PHE A 157 5.37 12.55 25.40
C PHE A 157 3.89 12.67 25.07
N THR A 158 3.57 12.87 23.79
CA THR A 158 2.18 13.09 23.39
C THR A 158 1.31 11.89 23.75
N THR A 159 1.81 10.68 23.49
CA THR A 159 1.03 9.49 23.81
C THR A 159 0.81 9.38 25.32
N LEU A 160 1.81 9.74 26.12
CA LEU A 160 1.63 9.75 27.57
C LEU A 160 0.57 10.77 27.97
N LYS A 161 0.60 11.95 27.35
CA LYS A 161 -0.37 12.99 27.66
C LYS A 161 -1.78 12.52 27.32
N ARG A 162 -1.92 11.75 26.23
CA ARG A 162 -3.25 11.27 25.85
C ARG A 162 -3.83 10.28 26.86
N LEU A 163 -3.05 9.82 27.83
CA LEU A 163 -3.59 8.98 28.88
C LEU A 163 -4.56 9.72 29.79
N LYS A 164 -4.61 11.04 29.71
CA LYS A 164 -5.54 11.85 30.49
C LYS A 164 -6.86 12.11 29.77
N ASN A 165 -6.99 11.70 28.52
CA ASN A 165 -8.13 12.05 27.69
C ASN A 165 -9.23 10.98 27.71
N ARG A 166 -9.14 10.01 28.61
CA ARG A 166 -10.16 8.99 28.78
C ARG A 166 -10.22 8.02 27.60
N LYS A 167 -10.77 8.48 26.48
CA LYS A 167 -10.89 7.60 25.31
C LYS A 167 -9.53 7.12 24.84
N TYR A 168 -8.54 8.02 24.79
CA TYR A 168 -7.19 7.60 24.42
C TYR A 168 -6.56 6.72 25.49
N LYS A 169 -6.88 6.96 26.76
CA LYS A 169 -6.39 6.09 27.82
C LYS A 169 -6.88 4.67 27.66
N ALA A 170 -7.99 4.47 26.93
CA ALA A 170 -8.58 3.15 26.75
C ALA A 170 -8.20 2.51 25.42
N THR A 171 -7.26 3.10 24.67
CA THR A 171 -6.81 2.52 23.41
C THR A 171 -5.29 2.48 23.24
N ILE A 172 -4.54 3.31 23.95
CA ILE A 172 -3.08 3.37 23.80
C ILE A 172 -2.40 2.23 24.55
N PRO A 173 -2.85 1.87 25.75
CA PRO A 173 -2.11 0.84 26.50
C PRO A 173 -1.89 -0.46 25.76
N LEU A 174 -2.89 -0.96 25.02
CA LEU A 174 -2.71 -2.24 24.33
C LEU A 174 -1.67 -2.16 23.22
N PRO A 175 -1.69 -1.15 22.33
CA PRO A 175 -0.62 -1.06 21.32
C PRO A 175 0.66 -0.46 21.89
N LEU A 176 0.95 -0.81 23.13
CA LEU A 176 2.30 -0.76 23.66
C LEU A 176 2.65 -2.01 24.45
N ALA A 177 1.68 -2.68 25.06
CA ALA A 177 1.93 -3.96 25.70
C ALA A 177 2.12 -5.05 24.66
N VAL A 178 1.42 -4.97 23.52
CA VAL A 178 1.66 -5.94 22.46
C VAL A 178 3.07 -5.78 21.90
N GLN A 179 3.53 -4.54 21.74
CA GLN A 179 4.89 -4.34 21.27
C GLN A 179 5.92 -4.74 22.32
N LEU A 180 5.62 -4.52 23.61
CA LEU A 180 6.51 -5.02 24.65
C LEU A 180 6.60 -6.54 24.59
N ILE A 181 5.46 -7.21 24.37
CA ILE A 181 5.46 -8.66 24.21
C ILE A 181 6.36 -9.06 23.06
N ALA A 182 6.20 -8.38 21.91
CA ALA A 182 7.00 -8.75 20.75
C ALA A 182 8.48 -8.54 21.01
N LYS A 183 8.86 -7.41 21.61
CA LYS A 183 10.26 -7.08 21.81
C LYS A 183 10.91 -7.86 22.95
N ALA A 184 10.13 -8.56 23.75
CA ALA A 184 10.68 -9.42 24.79
C ALA A 184 11.07 -10.79 24.27
N GLY A 185 10.85 -11.06 22.99
CA GLY A 185 11.04 -12.39 22.43
C GLY A 185 9.77 -13.17 22.25
N GLY A 186 8.61 -12.58 22.52
CA GLY A 186 7.35 -13.29 22.38
C GLY A 186 6.71 -13.08 21.02
N THR A 187 5.81 -13.98 20.68
CA THR A 187 5.07 -13.94 19.42
C THR A 187 3.61 -13.61 19.72
N PRO A 188 3.16 -12.38 19.44
CA PRO A 188 1.74 -12.09 19.63
C PRO A 188 0.80 -13.05 18.92
N TRP A 189 1.16 -13.50 17.71
CA TRP A 189 0.35 -14.45 16.96
C TRP A 189 1.08 -14.79 15.67
N ILE A 190 0.69 -15.90 15.06
CA ILE A 190 1.19 -16.29 13.75
C ILE A 190 0.00 -16.41 12.81
N VAL A 191 0.27 -16.27 11.53
CA VAL A 191 -0.78 -16.22 10.52
C VAL A 191 -1.37 -17.62 10.35
N ASP A 192 -2.67 -17.67 10.07
CA ASP A 192 -3.35 -18.93 9.80
C ASP A 192 -2.85 -19.46 8.46
N SER A 193 -1.92 -20.42 8.52
CA SER A 193 -1.29 -20.89 7.30
C SER A 193 -2.28 -21.55 6.34
N SER A 194 -3.47 -21.90 6.81
CA SER A 194 -4.47 -22.53 5.96
C SER A 194 -4.98 -21.59 4.88
N ILE A 195 -4.71 -20.29 4.97
CA ILE A 195 -5.22 -19.37 3.97
C ILE A 195 -4.53 -19.57 2.64
N TYR A 196 -3.27 -20.02 2.64
CA TYR A 196 -2.54 -20.23 1.39
C TYR A 196 -2.87 -21.60 0.79
N ASN A 197 -4.16 -21.89 0.63
CA ASN A 197 -4.57 -23.03 -0.18
C ASN A 197 -5.78 -22.69 -1.05
N ASP A 198 -6.47 -21.58 -0.78
CA ASP A 198 -7.44 -21.03 -1.72
C ASP A 198 -6.76 -20.30 -2.87
N LEU A 199 -5.48 -19.95 -2.70
CA LEU A 199 -4.74 -19.27 -3.77
C LEU A 199 -4.59 -20.15 -4.99
N SER A 200 -4.82 -21.45 -4.86
CA SER A 200 -4.72 -22.37 -5.99
C SER A 200 -5.59 -23.60 -5.76
N ASN A 206 2.94 -24.23 2.49
CA ASN A 206 4.39 -24.15 2.43
C ASN A 206 4.84 -23.17 1.36
N GLY A 207 5.88 -22.40 1.66
CA GLY A 207 6.40 -21.44 0.71
C GLY A 207 7.11 -20.33 1.46
N MET A 208 7.41 -19.26 0.73
CA MET A 208 7.99 -18.06 1.32
C MET A 208 7.12 -16.86 0.98
N LEU A 209 7.25 -15.83 1.80
CA LEU A 209 6.66 -14.51 1.55
C LEU A 209 7.79 -13.51 1.68
N MET A 210 8.55 -13.33 0.62
CA MET A 210 9.61 -12.34 0.64
C MET A 210 9.05 -10.99 0.21
N GLY A 211 9.32 -9.98 1.01
CA GLY A 211 8.99 -8.61 0.68
C GLY A 211 10.24 -7.90 0.20
N ILE A 212 10.08 -7.08 -0.83
CA ILE A 212 11.20 -6.39 -1.46
C ILE A 212 11.10 -4.92 -1.11
N ALA A 213 12.15 -4.38 -0.52
CA ALA A 213 12.29 -2.96 -0.24
C ALA A 213 13.65 -2.51 -0.74
N PHE A 214 13.91 -1.20 -0.68
CA PHE A 214 15.13 -0.65 -1.24
C PHE A 214 15.72 0.36 -0.27
N ALA A 215 16.86 -0.02 0.33
CA ALA A 215 17.59 0.90 1.18
C ALA A 215 18.36 1.88 0.30
N ARG A 216 17.90 3.13 0.28
CA ARG A 216 18.42 4.16 -0.61
C ARG A 216 19.62 4.86 0.01
N THR A 223 23.29 1.85 -2.95
CA THR A 223 21.98 1.46 -2.42
C THR A 223 21.85 -0.06 -2.44
N TYR A 224 20.97 -0.59 -1.59
CA TYR A 224 20.85 -2.04 -1.43
C TYR A 224 19.40 -2.45 -1.60
N SER A 225 19.19 -3.71 -1.94
CA SER A 225 17.86 -4.30 -1.97
C SER A 225 17.69 -5.17 -0.73
N VAL A 226 16.55 -5.02 -0.07
CA VAL A 226 16.23 -5.74 1.15
C VAL A 226 15.15 -6.77 0.83
N GLY A 227 15.44 -8.03 1.08
CA GLY A 227 14.45 -9.08 0.99
C GLY A 227 14.12 -9.60 2.37
N TYR A 228 12.93 -9.27 2.85
CA TYR A 228 12.44 -9.75 4.13
C TYR A 228 11.71 -11.05 3.86
N PHE A 229 12.40 -12.16 4.04
CA PHE A 229 11.84 -13.49 3.82
C PHE A 229 11.16 -13.97 5.08
N THR A 230 10.10 -14.74 4.90
CA THR A 230 9.36 -15.26 6.03
C THR A 230 8.54 -16.45 5.57
N THR A 231 8.19 -17.32 6.52
CA THR A 231 7.37 -18.48 6.19
C THR A 231 5.95 -17.99 5.91
N LEU A 232 5.03 -18.93 5.68
CA LEU A 232 3.65 -18.57 5.42
C LEU A 232 2.86 -18.27 6.68
N ASN A 233 3.41 -18.57 7.86
CA ASN A 233 2.81 -18.19 9.13
C ASN A 233 3.59 -17.10 9.84
N ASN A 234 4.60 -16.52 9.22
CA ASN A 234 5.40 -15.44 9.80
C ASN A 234 6.11 -15.87 11.07
N TYR A 235 6.21 -17.17 11.34
CA TYR A 235 6.92 -17.61 12.53
C TYR A 235 8.41 -17.39 12.39
N TYR A 236 8.99 -17.78 11.26
CA TYR A 236 10.40 -17.59 10.97
C TYR A 236 10.56 -16.42 10.02
N GLN A 237 11.56 -15.59 10.27
CA GLN A 237 11.83 -14.43 9.46
C GLN A 237 13.33 -14.31 9.26
N ARG A 238 13.71 -13.64 8.19
CA ARG A 238 15.13 -13.41 7.92
C ARG A 238 15.29 -12.33 6.88
N PHE A 239 16.23 -11.42 7.10
CA PHE A 239 16.51 -10.36 6.14
C PHE A 239 17.75 -10.70 5.33
N ASP A 240 17.65 -10.54 4.02
CA ASP A 240 18.79 -10.68 3.13
C ASP A 240 19.00 -9.35 2.43
N VAL A 241 20.21 -8.82 2.50
CA VAL A 241 20.54 -7.52 1.93
C VAL A 241 21.56 -7.72 0.82
N GLN A 242 21.22 -7.26 -0.37
CA GLN A 242 22.07 -7.45 -1.55
C GLN A 242 22.41 -6.09 -2.17
N PRO A 243 23.68 -5.71 -2.29
CA PRO A 243 23.99 -4.41 -2.90
C PRO A 243 23.48 -4.35 -4.33
N ILE A 244 23.08 -3.16 -4.77
CA ILE A 244 22.61 -2.93 -6.13
C ILE A 244 23.63 -2.05 -6.85
N ASN A 245 24.07 -2.51 -8.01
CA ASN A 245 25.09 -1.79 -8.77
C ASN A 245 24.50 -1.21 -10.05
N LEU A 257 11.55 1.20 -9.37
CA LEU A 257 12.68 0.52 -8.76
C LEU A 257 12.55 -0.99 -8.94
N TYR A 258 13.67 -1.65 -9.20
CA TYR A 258 13.67 -3.09 -9.43
C TYR A 258 14.99 -3.68 -8.97
N VAL A 259 14.97 -4.98 -8.73
CA VAL A 259 16.15 -5.72 -8.27
C VAL A 259 16.83 -6.31 -9.49
N PRO A 260 18.09 -5.94 -9.80
CA PRO A 260 18.76 -6.52 -10.97
C PRO A 260 18.72 -8.03 -10.99
N LYS A 261 19.08 -8.63 -12.13
CA LYS A 261 18.99 -10.09 -12.24
C LYS A 261 19.95 -10.77 -11.26
N GLU A 262 21.19 -10.30 -11.18
CA GLU A 262 22.16 -10.96 -10.32
C GLU A 262 21.76 -10.84 -8.85
N ALA A 263 21.33 -9.64 -8.44
CA ALA A 263 20.93 -9.45 -7.04
C ALA A 263 19.72 -10.29 -6.68
N MET A 264 18.73 -10.34 -7.57
CA MET A 264 17.54 -11.14 -7.30
C MET A 264 17.88 -12.62 -7.26
N VAL A 265 18.77 -13.08 -8.14
CA VAL A 265 19.17 -14.48 -8.12
C VAL A 265 19.87 -14.81 -6.81
N LYS A 266 20.79 -13.94 -6.38
CA LYS A 266 21.50 -14.18 -5.13
C LYS A 266 20.52 -14.23 -3.95
N THR A 267 19.63 -13.24 -3.86
CA THR A 267 18.73 -13.18 -2.72
C THR A 267 17.76 -14.35 -2.73
N LEU A 268 17.28 -14.76 -3.90
CA LEU A 268 16.40 -15.92 -3.96
C LEU A 268 17.13 -17.19 -3.55
N GLU A 269 18.37 -17.37 -4.00
CA GLU A 269 19.13 -18.54 -3.59
C GLU A 269 19.32 -18.56 -2.08
N SER A 270 19.67 -17.40 -1.51
CA SER A 270 19.85 -17.32 -0.07
C SER A 270 18.57 -17.63 0.68
N GLY A 271 17.45 -17.06 0.21
CA GLY A 271 16.18 -17.32 0.86
C GLY A 271 15.76 -18.78 0.77
N ILE A 272 16.01 -19.42 -0.37
CA ILE A 272 15.67 -20.83 -0.51
C ILE A 272 16.57 -21.68 0.38
N GLY A 273 17.85 -21.31 0.48
CA GLY A 273 18.72 -22.02 1.40
C GLY A 273 18.22 -21.94 2.83
N TRP A 274 17.82 -20.73 3.26
CA TRP A 274 17.29 -20.57 4.61
C TRP A 274 16.00 -21.35 4.79
N TYR A 275 15.13 -21.32 3.78
CA TYR A 275 13.86 -22.04 3.90
C TYR A 275 14.09 -23.54 4.01
N LYS A 276 15.03 -24.09 3.24
CA LYS A 276 15.32 -25.51 3.34
C LYS A 276 16.02 -25.84 4.65
N ASN A 277 16.85 -24.92 5.15
CA ASN A 277 17.51 -25.14 6.43
C ASN A 277 16.48 -25.24 7.55
N ILE A 278 15.51 -24.31 7.57
CA ILE A 278 14.55 -24.29 8.66
C ILE A 278 13.47 -25.37 8.48
N ILE A 279 13.05 -25.64 7.25
CA ILE A 279 11.94 -26.54 6.98
C ILE A 279 12.42 -27.91 6.55
N GLY A 280 13.39 -27.96 5.64
CA GLY A 280 13.95 -29.20 5.14
C GLY A 280 13.72 -29.44 3.67
N ILE A 281 12.97 -28.58 2.99
CA ILE A 281 12.70 -28.70 1.56
C ILE A 281 12.76 -27.31 0.95
N THR A 282 12.77 -27.27 -0.37
CA THR A 282 12.61 -26.00 -1.06
C THR A 282 11.13 -25.61 -1.06
N PRO A 283 10.83 -24.30 -1.09
CA PRO A 283 9.44 -23.86 -1.02
C PRO A 283 8.70 -24.18 -2.31
N PRO A 284 7.54 -24.86 -2.23
CA PRO A 284 6.78 -25.15 -3.45
C PRO A 284 6.08 -23.96 -4.04
N LEU A 285 6.13 -22.80 -3.38
CA LEU A 285 5.43 -21.61 -3.85
C LEU A 285 6.08 -20.39 -3.23
N LEU A 286 6.55 -19.47 -4.06
CA LEU A 286 7.21 -18.25 -3.58
C LEU A 286 6.29 -17.07 -3.89
N ILE A 287 5.89 -16.34 -2.84
CA ILE A 287 5.07 -15.15 -2.97
C ILE A 287 5.94 -13.93 -2.69
N ILE A 288 5.87 -12.94 -3.57
CA ILE A 288 6.73 -11.77 -3.50
C ILE A 288 5.86 -10.53 -3.49
N PHE A 289 6.32 -9.49 -2.80
CA PHE A 289 5.64 -8.22 -2.72
C PHE A 289 6.59 -7.11 -3.11
N LYS A 290 6.10 -6.18 -3.92
CA LYS A 290 6.84 -4.98 -4.29
C LYS A 290 5.86 -3.82 -4.34
N THR A 291 6.39 -2.61 -4.41
CA THR A 291 5.58 -1.42 -4.64
C THR A 291 5.72 -0.92 -6.07
N SER A 292 6.36 -1.69 -6.94
CA SER A 292 6.56 -1.37 -8.34
C SER A 292 6.21 -2.58 -9.17
N PRO A 293 5.89 -2.40 -10.45
CA PRO A 293 5.52 -3.54 -11.29
C PRO A 293 6.72 -4.44 -11.56
N MET A 294 6.42 -5.71 -11.79
CA MET A 294 7.50 -6.68 -12.04
C MET A 294 8.33 -6.23 -13.24
N HIS A 295 9.64 -6.31 -13.08
CA HIS A 295 10.58 -5.93 -14.12
C HIS A 295 11.03 -7.17 -14.89
N LYS A 296 11.61 -6.92 -16.06
CA LYS A 296 12.11 -8.02 -16.88
C LYS A 296 13.23 -8.77 -16.17
N ASP A 297 14.15 -8.03 -15.53
CA ASP A 297 15.23 -8.68 -14.81
C ASP A 297 14.70 -9.54 -13.67
N GLU A 298 13.70 -9.05 -12.94
CA GLU A 298 13.11 -9.85 -11.87
C GLU A 298 12.47 -11.11 -12.43
N LYS A 299 11.83 -11.01 -13.59
CA LYS A 299 11.22 -12.18 -14.22
C LYS A 299 12.27 -13.21 -14.59
N GLU A 300 13.35 -12.77 -15.24
CA GLU A 300 14.42 -13.69 -15.62
C GLU A 300 15.04 -14.34 -14.40
N ALA A 301 15.31 -13.55 -13.35
CA ALA A 301 15.91 -14.11 -12.14
C ALA A 301 14.97 -15.10 -11.47
N ILE A 302 13.69 -14.76 -11.38
CA ILE A 302 12.72 -15.67 -10.77
C ILE A 302 12.71 -16.99 -11.51
N GLU A 303 12.62 -16.95 -12.83
CA GLU A 303 12.55 -18.19 -13.60
C GLU A 303 13.90 -18.89 -13.71
N ALA A 304 15.00 -18.20 -13.40
CA ALA A 304 16.30 -18.85 -13.41
C ALA A 304 16.56 -19.61 -12.11
N VAL A 305 16.30 -18.98 -10.97
CA VAL A 305 16.48 -19.69 -9.70
C VAL A 305 15.40 -20.73 -9.51
N LEU A 306 14.14 -20.39 -9.80
CA LEU A 306 13.04 -21.32 -9.61
C LEU A 306 12.76 -22.19 -10.83
N GLY A 307 13.42 -21.93 -11.94
CA GLY A 307 13.22 -22.79 -13.11
C GLY A 307 11.75 -22.82 -13.49
N LYS A 308 11.21 -24.03 -13.54
CA LYS A 308 9.79 -24.23 -13.84
C LYS A 308 9.09 -25.09 -12.79
N ASP A 309 9.80 -25.57 -11.77
CA ASP A 309 9.22 -26.51 -10.82
C ASP A 309 8.48 -25.80 -9.68
N ILE A 310 9.01 -24.69 -9.20
CA ILE A 310 8.44 -23.97 -8.06
C ILE A 310 7.58 -22.84 -8.59
N LYS A 311 6.29 -22.85 -8.22
CA LYS A 311 5.40 -21.79 -8.62
C LYS A 311 5.76 -20.49 -7.93
N TRP A 312 5.53 -19.38 -8.62
CA TRP A 312 5.77 -18.06 -8.06
C TRP A 312 4.59 -17.15 -8.31
N VAL A 313 4.22 -16.41 -7.27
CA VAL A 313 3.28 -15.29 -7.35
C VAL A 313 4.02 -14.03 -6.97
N PHE A 314 3.77 -12.96 -7.70
CA PHE A 314 4.43 -11.69 -7.49
C PHE A 314 3.32 -10.65 -7.43
N ILE A 315 3.42 -9.70 -6.50
CA ILE A 315 2.33 -8.76 -6.26
C ILE A 315 2.92 -7.36 -6.19
N HIS A 316 2.56 -6.51 -7.15
CA HIS A 316 2.87 -5.10 -7.10
C HIS A 316 1.69 -4.40 -6.43
N ALA A 317 1.92 -3.88 -5.23
CA ALA A 317 0.85 -3.33 -4.41
C ALA A 317 1.01 -1.82 -4.27
N GLN A 318 -0.10 -1.11 -4.42
CA GLN A 318 -0.17 0.33 -4.22
C GLN A 318 -1.29 0.62 -3.23
N TYR A 319 -1.03 1.56 -2.31
CA TYR A 319 -2.02 1.92 -1.30
C TYR A 319 -2.98 3.00 -1.79
N ASN A 320 -3.10 3.16 -3.11
CA ASN A 320 -4.04 4.12 -3.68
C ASN A 320 -4.68 3.50 -4.91
N THR A 321 -5.86 4.00 -5.26
CA THR A 321 -6.57 3.51 -6.43
C THR A 321 -7.42 4.63 -6.98
N PRO A 322 -7.44 4.86 -8.30
CA PRO A 322 -8.38 5.83 -8.85
C PRO A 322 -9.82 5.36 -8.78
N VAL A 323 -10.05 4.06 -8.62
CA VAL A 323 -11.40 3.55 -8.51
C VAL A 323 -12.12 4.24 -7.36
N ARG A 324 -13.41 4.49 -7.55
CA ARG A 324 -14.26 5.05 -6.52
C ARG A 324 -15.64 4.42 -6.70
N ILE A 325 -15.87 3.32 -6.00
CA ILE A 325 -17.10 2.56 -6.15
C ILE A 325 -18.19 3.18 -5.28
N PHE A 326 -19.40 3.28 -5.84
CA PHE A 326 -20.52 3.95 -5.19
C PHE A 326 -21.66 2.96 -4.96
N GLY A 327 -22.51 3.28 -3.99
CA GLY A 327 -23.61 2.41 -3.62
C GLY A 327 -24.91 2.80 -4.29
N ASN A 328 -25.99 2.14 -3.85
CA ASN A 328 -27.30 2.35 -4.43
C ASN A 328 -27.94 3.61 -3.85
N LYS A 329 -29.08 4.00 -4.42
CA LYS A 329 -29.76 5.23 -4.02
C LYS A 329 -30.57 5.09 -2.75
N GLU A 330 -30.96 3.87 -2.37
CA GLU A 330 -31.68 3.66 -1.13
C GLU A 330 -30.86 4.09 0.09
N ASP A 331 -29.54 4.20 -0.07
CA ASP A 331 -28.68 4.82 0.92
C ASP A 331 -27.92 5.95 0.23
N ASP A 332 -26.99 6.57 0.95
CA ASP A 332 -26.23 7.69 0.41
C ASP A 332 -25.02 7.19 -0.38
N TYR A 333 -25.30 6.26 -1.31
CA TYR A 333 -24.27 5.67 -2.16
C TYR A 333 -23.11 5.15 -1.32
N LYS A 334 -23.44 4.30 -0.35
CA LYS A 334 -22.47 3.70 0.55
C LYS A 334 -22.30 2.22 0.20
N VAL A 335 -21.04 1.79 0.13
CA VAL A 335 -20.70 0.42 -0.23
C VAL A 335 -20.13 -0.28 0.99
N ASN A 336 -20.63 -1.48 1.29
CA ASN A 336 -20.17 -2.20 2.47
C ASN A 336 -18.68 -2.44 2.41
N ARG A 337 -18.01 -2.21 3.54
CA ARG A 337 -16.58 -2.45 3.63
C ARG A 337 -16.29 -3.94 3.44
N GLY A 338 -15.11 -4.22 2.88
CA GLY A 338 -14.76 -5.55 2.45
C GLY A 338 -14.92 -5.79 0.96
N THR A 339 -15.51 -4.83 0.25
CA THR A 339 -15.71 -4.97 -1.18
C THR A 339 -14.37 -5.04 -1.90
N VAL A 340 -14.26 -5.99 -2.82
CA VAL A 340 -13.05 -6.20 -3.60
C VAL A 340 -13.44 -6.27 -5.06
N ILE A 341 -12.72 -5.54 -5.91
CA ILE A 341 -12.97 -5.49 -7.34
C ILE A 341 -11.88 -6.30 -8.04
N ILE A 342 -12.29 -7.39 -8.68
CA ILE A 342 -11.38 -8.27 -9.41
C ILE A 342 -11.52 -7.97 -10.89
N LYS A 343 -10.39 -7.87 -11.59
CA LYS A 343 -10.41 -7.84 -13.05
C LYS A 343 -9.27 -8.71 -13.55
N LYS A 344 -9.60 -9.83 -14.18
CA LYS A 344 -8.62 -10.80 -14.62
C LYS A 344 -8.18 -10.47 -16.04
N ARG A 345 -6.91 -10.13 -16.20
CA ARG A 345 -6.37 -9.82 -17.52
C ARG A 345 -6.42 -11.04 -18.42
N LYS A 346 -7.20 -10.94 -19.51
CA LYS A 346 -7.33 -12.05 -20.43
C LYS A 346 -6.09 -12.26 -21.29
N ARG A 347 -5.28 -11.23 -21.47
CA ARG A 347 -4.05 -11.34 -22.27
C ARG A 347 -2.92 -11.89 -21.43
N TRP A 348 -3.16 -13.05 -20.83
CA TRP A 348 -2.20 -13.70 -19.96
C TRP A 348 -1.84 -15.07 -20.52
N ASN A 349 -0.55 -15.31 -20.68
CA ASN A 349 -0.04 -16.60 -21.11
C ASN A 349 1.36 -16.77 -20.57
N PRO A 350 1.57 -17.66 -19.58
CA PRO A 350 2.91 -17.76 -18.97
C PRO A 350 3.92 -18.53 -19.80
N ASN A 351 3.52 -19.11 -20.93
CA ASN A 351 4.42 -19.91 -21.75
C ASN A 351 5.17 -19.10 -22.78
N ASN A 352 4.96 -17.77 -22.80
CA ASN A 352 5.67 -16.92 -23.75
C ASN A 352 6.12 -15.60 -23.09
N GLY A 353 6.25 -15.58 -21.77
CA GLY A 353 6.74 -14.39 -21.08
C GLY A 353 5.69 -13.39 -20.71
N ASP A 354 4.41 -13.74 -20.80
CA ASP A 354 3.31 -12.88 -20.39
C ASP A 354 2.79 -13.42 -19.06
N TYR A 355 2.87 -12.60 -18.01
CA TYR A 355 2.60 -13.08 -16.66
C TYR A 355 1.65 -12.23 -15.86
N LEU A 356 1.31 -11.02 -16.31
CA LEU A 356 0.41 -10.16 -15.56
C LEU A 356 -0.98 -10.78 -15.56
N HIS A 357 -1.32 -11.45 -14.47
CA HIS A 357 -2.51 -12.29 -14.42
C HIS A 357 -3.79 -11.48 -14.23
N SER A 358 -3.86 -10.67 -13.18
CA SER A 358 -5.10 -9.98 -12.83
C SER A 358 -4.78 -8.72 -12.06
N GLU A 359 -5.84 -8.06 -11.58
CA GLU A 359 -5.72 -6.85 -10.78
C GLU A 359 -6.84 -6.84 -9.75
N ILE A 360 -6.48 -6.60 -8.49
CA ILE A 360 -7.40 -6.62 -7.37
C ILE A 360 -7.40 -5.25 -6.72
N VAL A 361 -8.59 -4.70 -6.47
CA VAL A 361 -8.75 -3.43 -5.76
C VAL A 361 -9.51 -3.73 -4.49
N ILE A 362 -8.82 -3.72 -3.36
CA ILE A 362 -9.44 -3.89 -2.06
C ILE A 362 -9.86 -2.51 -1.57
N THR A 363 -11.14 -2.20 -1.71
CA THR A 363 -11.68 -0.99 -1.09
C THR A 363 -11.70 -1.17 0.42
N ALA A 364 -11.41 -0.09 1.14
CA ALA A 364 -11.36 -0.20 2.59
C ALA A 364 -11.50 1.18 3.23
N THR A 365 -12.07 1.18 4.43
CA THR A 365 -12.25 2.40 5.21
C THR A 365 -11.04 2.62 6.11
N GLY A 386 -10.22 -3.86 9.90
CA GLY A 386 -10.13 -2.63 9.14
C GLY A 386 -8.76 -2.41 8.51
N THR A 387 -8.74 -1.66 7.41
CA THR A 387 -7.51 -1.26 6.74
C THR A 387 -7.69 0.16 6.23
N PRO A 388 -6.92 1.13 6.73
CA PRO A 388 -7.26 2.55 6.49
C PRO A 388 -7.22 2.94 5.02
N ARG A 389 -6.42 2.28 4.19
CA ARG A 389 -6.19 2.71 2.82
C ARG A 389 -6.68 1.63 1.84
N PRO A 390 -7.13 2.03 0.65
CA PRO A 390 -7.40 1.04 -0.39
C PRO A 390 -6.12 0.52 -1.00
N ILE A 391 -6.18 -0.69 -1.53
CA ILE A 391 -5.03 -1.36 -2.11
C ILE A 391 -5.36 -1.79 -3.52
N THR A 392 -4.40 -1.63 -4.43
CA THR A 392 -4.46 -2.17 -5.77
C THR A 392 -3.29 -3.13 -5.96
N LEU A 393 -3.57 -4.31 -6.49
CA LEU A 393 -2.59 -5.41 -6.56
C LEU A 393 -2.50 -5.88 -8.01
N ASN A 394 -1.37 -5.59 -8.66
CA ASN A 394 -1.05 -6.21 -9.93
C ASN A 394 -0.37 -7.54 -9.65
N VAL A 395 -1.05 -8.63 -9.97
CA VAL A 395 -0.55 -9.98 -9.75
C VAL A 395 0.18 -10.45 -11.01
N TYR A 396 1.38 -10.98 -10.84
CA TYR A 396 2.08 -11.73 -11.86
C TYR A 396 2.18 -13.17 -11.38
N SER A 397 2.02 -14.12 -12.29
CA SER A 397 1.89 -15.50 -11.86
C SER A 397 2.24 -16.44 -13.00
N SER A 398 2.86 -17.56 -12.64
CA SER A 398 3.16 -18.62 -13.59
C SER A 398 2.03 -19.63 -13.71
N PHE A 399 0.99 -19.51 -12.90
CA PHE A 399 -0.14 -20.42 -12.93
C PHE A 399 -1.42 -19.61 -12.89
N ASP A 400 -2.56 -20.31 -12.82
CA ASP A 400 -3.86 -19.65 -12.77
C ASP A 400 -4.13 -19.28 -11.32
N VAL A 401 -3.42 -18.25 -10.86
CA VAL A 401 -3.52 -17.84 -9.45
C VAL A 401 -4.89 -17.20 -9.21
N ASN A 402 -5.55 -17.63 -8.15
CA ASN A 402 -6.87 -17.13 -7.84
C ASN A 402 -6.77 -15.70 -7.31
N PRO A 403 -7.48 -14.73 -7.91
CA PRO A 403 -7.33 -13.34 -7.44
C PRO A 403 -7.86 -13.10 -6.03
N ILE A 404 -9.03 -13.64 -5.68
CA ILE A 404 -9.48 -13.52 -4.31
C ILE A 404 -8.49 -14.21 -3.37
N GLY A 405 -7.74 -15.19 -3.88
CA GLY A 405 -6.69 -15.78 -3.09
C GLY A 405 -5.61 -14.77 -2.71
N VAL A 406 -5.15 -13.97 -3.67
CA VAL A 406 -4.14 -12.98 -3.34
C VAL A 406 -4.74 -11.86 -2.50
N ALA A 407 -6.03 -11.59 -2.67
CA ALA A 407 -6.69 -10.64 -1.77
C ALA A 407 -6.63 -11.13 -0.33
N GLU A 408 -6.94 -12.41 -0.12
CA GLU A 408 -6.83 -12.97 1.21
C GLU A 408 -5.38 -12.96 1.70
N LEU A 409 -4.43 -13.23 0.81
CA LEU A 409 -3.03 -13.09 1.18
C LEU A 409 -2.76 -11.70 1.75
N THR A 410 -3.21 -10.68 1.04
CA THR A 410 -2.91 -9.30 1.43
C THR A 410 -3.62 -8.93 2.74
N LEU A 411 -4.83 -9.44 2.96
CA LEU A 411 -5.52 -9.16 4.21
C LEU A 411 -4.86 -9.89 5.39
N SER A 412 -4.51 -11.16 5.20
CA SER A 412 -3.84 -11.91 6.26
C SER A 412 -2.44 -11.36 6.53
N GLN A 413 -1.82 -10.70 5.54
CA GLN A 413 -0.56 -10.03 5.79
C GLN A 413 -0.76 -8.66 6.40
N ILE A 414 -1.95 -8.07 6.24
CA ILE A 414 -2.28 -6.86 6.99
C ILE A 414 -2.42 -7.20 8.47
N LYS A 415 -3.20 -8.23 8.79
CA LYS A 415 -3.42 -8.60 10.18
C LYS A 415 -2.21 -9.28 10.80
N ALA A 416 -1.34 -9.88 10.00
CA ALA A 416 -0.16 -10.55 10.55
C ALA A 416 0.72 -9.57 11.32
N ASP A 417 0.71 -8.30 10.93
CA ASP A 417 1.55 -7.32 11.60
C ASP A 417 1.23 -7.27 13.08
N TRP A 418 2.27 -7.32 13.91
CA TRP A 418 2.09 -7.26 15.35
C TRP A 418 1.74 -5.86 15.84
N GLU A 419 1.95 -4.85 14.99
CA GLU A 419 1.43 -3.51 15.22
C GLU A 419 0.06 -3.31 14.60
N HIS A 420 -0.73 -4.38 14.46
CA HIS A 420 -2.06 -4.24 13.89
C HIS A 420 -2.93 -3.29 14.70
N PRO A 421 -2.99 -3.38 16.04
CA PRO A 421 -3.53 -2.26 16.81
C PRO A 421 -2.83 -0.97 16.40
N ASP A 422 -3.32 0.19 16.80
CA ASP A 422 -2.86 1.43 16.16
C ASP A 422 -3.26 1.45 14.68
N ILE A 423 -4.56 1.56 14.43
CA ILE A 423 -5.15 1.51 13.09
C ILE A 423 -4.32 2.25 12.06
N ARG A 424 -3.77 3.42 12.43
CA ARG A 424 -3.01 4.20 11.46
C ARG A 424 -1.95 3.37 10.75
N LYS A 425 -1.20 2.56 11.51
CA LYS A 425 -0.03 1.85 10.99
C LYS A 425 -0.35 0.54 10.30
N ARG A 426 -1.58 0.31 9.86
CA ARG A 426 -1.97 -1.00 9.31
C ARG A 426 -1.49 -1.09 7.86
N LYS A 427 -0.57 -2.02 7.58
CA LYS A 427 0.01 -2.22 6.27
C LYS A 427 0.28 -3.71 6.04
N ILE A 428 0.75 -4.03 4.84
CA ILE A 428 1.20 -5.38 4.52
C ILE A 428 2.47 -5.65 5.30
N THR A 429 2.53 -6.80 5.98
CA THR A 429 3.62 -7.06 6.91
C THR A 429 4.98 -7.11 6.19
N VAL A 430 5.07 -7.90 5.12
CA VAL A 430 6.38 -8.13 4.50
C VAL A 430 6.94 -6.83 3.93
N LEU A 431 6.10 -6.07 3.23
CA LEU A 431 6.55 -4.77 2.73
C LEU A 431 6.91 -3.85 3.88
N LYS A 432 6.10 -3.84 4.93
CA LYS A 432 6.31 -2.89 6.01
C LYS A 432 7.66 -3.11 6.66
N TYR A 433 7.99 -4.35 7.02
CA TYR A 433 9.23 -4.60 7.72
C TYR A 433 10.42 -4.72 6.79
N ALA A 434 10.19 -5.05 5.52
CA ALA A 434 11.24 -4.84 4.53
C ALA A 434 11.64 -3.37 4.48
N ASN A 435 10.67 -2.47 4.54
CA ASN A 435 10.97 -1.04 4.53
C ASN A 435 11.58 -0.58 5.85
N ARG A 436 11.15 -1.17 6.97
CA ARG A 436 11.79 -0.87 8.25
C ARG A 436 13.27 -1.25 8.21
N MET A 437 13.56 -2.44 7.71
CA MET A 437 14.94 -2.88 7.58
C MET A 437 15.71 -2.00 6.62
N ALA A 438 15.06 -1.59 5.52
CA ALA A 438 15.71 -0.68 4.59
C ALA A 438 16.06 0.64 5.26
N LYS A 439 15.16 1.15 6.11
CA LYS A 439 15.43 2.40 6.80
C LYS A 439 16.58 2.26 7.78
N ILE A 440 16.62 1.17 8.56
CA ILE A 440 17.64 1.05 9.58
C ILE A 440 18.97 0.53 9.04
N ILE A 441 18.99 0.00 7.81
CA ILE A 441 20.25 -0.46 7.22
C ILE A 441 21.21 0.70 7.01
N GLN A 442 20.70 1.91 6.84
CA GLN A 442 21.58 3.06 6.66
C GLN A 442 22.53 3.25 7.83
N TYR A 443 22.18 2.72 9.00
CA TYR A 443 22.97 2.91 10.21
C TYR A 443 23.73 1.66 10.64
N ILE A 444 23.33 0.48 10.16
CA ILE A 444 24.08 -0.74 10.47
C ILE A 444 25.41 -0.69 9.73
N ASN A 445 26.49 -0.98 10.45
CA ASN A 445 27.84 -0.94 9.86
C ASN A 445 28.22 -2.29 9.28
N ASN A 446 28.25 -3.33 10.10
CA ASN A 446 28.61 -4.68 9.66
C ASN A 446 27.34 -5.36 9.15
N LEU A 447 27.12 -5.29 7.83
CA LEU A 447 25.96 -5.92 7.23
C LEU A 447 26.02 -7.44 7.27
N SER A 448 27.17 -8.02 7.61
CA SER A 448 27.27 -9.46 7.73
C SER A 448 26.38 -9.99 8.84
N SER A 449 25.93 -9.13 9.75
CA SER A 449 24.99 -9.52 10.79
C SER A 449 23.54 -9.51 10.33
N VAL A 450 23.28 -9.03 9.11
CA VAL A 450 21.90 -8.91 8.65
C VAL A 450 21.13 -10.22 8.74
N PRO A 451 21.68 -11.36 8.32
CA PRO A 451 20.91 -12.61 8.41
C PRO A 451 20.51 -12.96 9.84
N SER A 452 21.33 -12.62 10.83
CA SER A 452 21.00 -12.93 12.21
C SER A 452 19.97 -11.98 12.80
N VAL A 453 19.79 -10.80 12.21
CA VAL A 453 18.85 -9.82 12.75
C VAL A 453 17.46 -10.43 12.84
N ASP A 454 16.75 -10.08 13.90
CA ASP A 454 15.40 -10.53 14.13
C ASP A 454 14.40 -9.47 13.67
N VAL A 455 13.15 -9.90 13.45
CA VAL A 455 12.10 -8.95 13.16
C VAL A 455 11.80 -8.08 14.37
N ARG A 456 12.15 -8.53 15.57
CA ARG A 456 11.89 -7.78 16.79
C ARG A 456 12.89 -6.67 17.02
N ASP A 457 14.01 -6.69 16.30
CA ASP A 457 14.99 -5.62 16.39
C ASP A 457 14.65 -4.43 15.50
N VAL A 458 13.70 -4.58 14.58
CA VAL A 458 13.25 -3.48 13.73
C VAL A 458 11.84 -3.08 14.16
N LEU A 459 11.06 -4.06 14.58
CA LEU A 459 9.70 -3.83 15.02
C LEU A 459 9.69 -3.07 16.34
N VAL B 2 -25.62 -5.32 -7.77
CA VAL B 2 -24.74 -4.64 -8.75
C VAL B 2 -24.37 -3.26 -8.24
N LEU B 3 -23.08 -2.95 -8.30
CA LEU B 3 -22.54 -1.67 -7.84
C LEU B 3 -22.09 -0.84 -9.02
N GLU B 4 -22.03 0.48 -8.80
CA GLU B 4 -21.57 1.43 -9.80
C GLU B 4 -20.13 1.82 -9.47
N SER B 5 -19.61 2.81 -10.19
CA SER B 5 -18.23 3.24 -10.00
C SER B 5 -18.02 4.53 -10.79
N ASN B 6 -16.79 5.00 -10.82
CA ASN B 6 -16.39 6.16 -11.60
C ASN B 6 -15.57 5.77 -12.82
N MET B 7 -15.74 4.55 -13.32
CA MET B 7 -14.97 4.03 -14.45
C MET B 7 -15.85 3.94 -15.69
N PHE B 8 -15.38 4.56 -16.77
CA PHE B 8 -15.89 4.31 -18.11
C PHE B 8 -14.81 3.57 -18.88
N LYS B 9 -15.21 2.61 -19.70
CA LYS B 9 -14.17 1.91 -20.45
C LYS B 9 -14.76 1.25 -21.69
N THR B 10 -13.90 1.07 -22.68
CA THR B 10 -14.31 0.46 -23.94
C THR B 10 -14.74 -0.99 -23.69
N GLU B 11 -15.78 -1.41 -24.41
CA GLU B 11 -16.28 -2.77 -24.30
C GLU B 11 -15.52 -3.74 -25.19
N GLN B 12 -14.55 -3.27 -25.97
CA GLN B 12 -13.76 -4.12 -26.84
C GLN B 12 -12.32 -3.63 -26.83
N GLU B 13 -11.41 -4.53 -27.21
CA GLU B 13 -10.01 -4.16 -27.27
C GLU B 13 -9.82 -3.02 -28.26
N LEU B 14 -8.93 -2.10 -27.92
CA LEU B 14 -8.70 -0.94 -28.76
C LEU B 14 -8.13 -1.39 -30.10
N PRO B 15 -8.75 -1.04 -31.22
CA PRO B 15 -8.12 -1.32 -32.52
C PRO B 15 -6.80 -0.59 -32.65
N GLU B 16 -5.93 -1.13 -33.49
CA GLU B 16 -4.64 -0.50 -33.75
C GLU B 16 -4.82 0.97 -34.08
N LEU B 17 -4.01 1.81 -33.46
CA LEU B 17 -4.10 3.25 -33.61
C LEU B 17 -3.07 3.68 -34.65
N ILE B 18 -3.53 4.04 -35.83
CA ILE B 18 -2.63 4.60 -36.84
C ILE B 18 -2.38 6.06 -36.49
N VAL B 19 -1.11 6.40 -36.30
CA VAL B 19 -0.73 7.72 -35.85
C VAL B 19 0.25 8.33 -36.83
N ASN B 20 0.03 9.59 -37.19
CA ASN B 20 1.02 10.36 -37.91
C ASN B 20 2.11 10.80 -36.94
N CYS B 21 3.14 11.43 -37.46
CA CYS B 21 4.22 11.87 -36.60
C CYS B 21 4.98 13.02 -37.25
N ILE B 22 5.62 13.82 -36.40
CA ILE B 22 6.58 14.83 -36.82
C ILE B 22 7.78 14.76 -35.88
N GLU B 23 8.86 15.43 -36.27
CA GLU B 23 10.11 15.42 -35.52
C GLU B 23 10.43 16.83 -35.01
N ILE B 24 10.96 16.90 -33.80
CA ILE B 24 11.43 18.14 -33.23
C ILE B 24 12.72 17.89 -32.47
N ALA B 30 8.14 21.37 -27.14
CA ALA B 30 7.32 20.31 -27.74
C ALA B 30 6.28 19.82 -26.74
N HIS B 31 6.68 19.73 -25.47
CA HIS B 31 5.75 19.28 -24.44
C HIS B 31 4.63 20.30 -24.23
N LYS B 32 4.94 21.60 -24.36
CA LYS B 32 3.90 22.61 -24.32
C LYS B 32 3.13 22.68 -25.63
N VAL B 33 3.77 22.33 -26.75
CA VAL B 33 3.11 22.39 -28.04
C VAL B 33 1.93 21.43 -28.08
N VAL B 34 2.13 20.20 -27.60
CA VAL B 34 1.06 19.20 -27.62
C VAL B 34 -0.10 19.65 -26.76
N LYS B 35 0.19 20.34 -25.65
CA LYS B 35 -0.90 20.86 -24.82
C LYS B 35 -1.71 21.89 -25.58
N GLU B 36 -1.05 22.81 -26.28
CA GLU B 36 -1.75 23.91 -26.92
C GLU B 36 -2.55 23.42 -28.13
N ILE B 37 -1.95 22.55 -28.96
CA ILE B 37 -2.62 22.11 -30.17
C ILE B 37 -3.78 21.16 -29.90
N SER B 38 -3.94 20.71 -28.65
CA SER B 38 -5.09 19.89 -28.32
C SER B 38 -6.39 20.68 -28.36
N LYS B 39 -6.31 22.01 -28.34
CA LYS B 39 -7.51 22.82 -28.47
C LYS B 39 -8.15 22.67 -29.85
N TYR B 40 -7.32 22.56 -30.89
CA TYR B 40 -7.82 22.56 -32.26
C TYR B 40 -8.18 21.18 -32.78
N GLY B 41 -7.66 20.12 -32.17
CA GLY B 41 -8.01 18.77 -32.59
C GLY B 41 -6.82 17.91 -32.98
N ILE B 42 -5.63 18.26 -32.50
CA ILE B 42 -4.41 17.51 -32.76
C ILE B 42 -3.95 16.93 -31.44
N PHE B 43 -4.03 15.60 -31.32
CA PHE B 43 -3.78 14.89 -30.06
C PHE B 43 -2.50 14.08 -30.21
N GLY B 44 -1.43 14.53 -29.54
CA GLY B 44 -0.13 13.95 -29.72
C GLY B 44 0.56 13.60 -28.41
N VAL B 45 1.57 12.76 -28.54
CA VAL B 45 2.43 12.37 -27.43
C VAL B 45 3.87 12.57 -27.87
N VAL B 46 4.70 13.11 -26.97
CA VAL B 46 6.08 13.44 -27.28
C VAL B 46 6.97 12.31 -26.77
N ARG B 47 7.60 11.59 -27.70
CA ARG B 47 8.53 10.53 -27.37
C ARG B 47 9.53 10.37 -28.51
N GLU B 48 10.71 9.85 -28.17
CA GLU B 48 11.93 9.89 -29.00
C GLU B 48 12.05 11.19 -29.79
N LYS B 49 11.93 12.34 -29.14
CA LYS B 49 12.10 13.64 -29.77
C LYS B 49 11.15 13.85 -30.94
N LYS B 50 10.06 13.09 -30.99
CA LYS B 50 9.05 13.21 -32.03
C LYS B 50 7.69 13.40 -31.36
N ILE B 51 6.77 13.99 -32.11
CA ILE B 51 5.37 14.07 -31.70
C ILE B 51 4.59 13.08 -32.55
N PHE B 52 4.07 12.04 -31.91
CA PHE B 52 3.21 11.06 -32.57
C PHE B 52 1.77 11.42 -32.25
N PHE B 53 0.99 11.74 -33.28
CA PHE B 53 -0.31 12.37 -33.07
C PHE B 53 -1.36 11.82 -34.01
N THR B 54 -2.60 11.89 -33.55
CA THR B 54 -3.79 11.72 -34.36
C THR B 54 -4.51 13.07 -34.45
N THR B 55 -5.54 13.14 -35.28
CA THR B 55 -6.23 14.41 -35.45
C THR B 55 -7.60 14.19 -36.05
N VAL B 56 -8.53 15.11 -35.73
CA VAL B 56 -9.84 15.15 -36.35
C VAL B 56 -9.91 16.14 -37.51
N ILE B 57 -8.87 16.94 -37.71
CA ILE B 57 -8.86 17.94 -38.78
C ILE B 57 -8.77 17.21 -40.12
N GLU B 58 -9.83 17.25 -40.92
CA GLU B 58 -9.86 16.61 -42.23
C GLU B 58 -9.44 17.59 -43.33
N ASP B 59 -8.29 18.21 -43.15
CA ASP B 59 -7.77 19.17 -44.13
C ASP B 59 -6.27 19.27 -43.91
N ASP B 60 -5.49 18.77 -44.87
CA ASP B 60 -4.05 18.74 -44.70
C ASP B 60 -3.47 20.14 -44.58
N ASP B 61 -3.96 21.08 -45.39
CA ASP B 61 -3.41 22.43 -45.36
C ASP B 61 -3.65 23.09 -44.01
N PHE B 62 -4.86 22.97 -43.48
CA PHE B 62 -5.14 23.54 -42.16
C PHE B 62 -4.35 22.83 -41.08
N LEU B 63 -4.16 21.52 -41.21
CA LEU B 63 -3.34 20.77 -40.26
C LEU B 63 -1.93 21.32 -40.22
N LYS B 64 -1.34 21.54 -41.40
CA LYS B 64 0.01 22.10 -41.46
C LYS B 64 0.04 23.51 -40.91
N ASP B 65 -0.95 24.32 -41.23
CA ASP B 65 -0.97 25.69 -40.73
C ASP B 65 -1.03 25.72 -39.21
N ARG B 66 -1.85 24.86 -38.61
CA ARG B 66 -1.93 24.81 -37.15
C ARG B 66 -0.60 24.40 -36.55
N LEU B 67 0.07 23.43 -37.16
CA LEU B 67 1.35 22.96 -36.68
C LEU B 67 2.50 23.77 -37.28
N ASP B 80 7.97 18.02 -42.19
CA ASP B 80 6.78 17.50 -42.86
C ASP B 80 6.03 16.54 -41.95
N ILE B 81 4.80 16.23 -42.33
CA ILE B 81 3.92 15.37 -41.54
C ILE B 81 3.92 13.99 -42.18
N LYS B 82 4.41 12.99 -41.44
CA LYS B 82 4.44 11.61 -41.92
C LYS B 82 3.07 11.00 -41.69
N LYS B 83 2.23 11.05 -42.71
CA LYS B 83 0.87 10.52 -42.59
C LYS B 83 0.91 9.01 -42.39
N ASN B 84 0.17 8.54 -41.38
CA ASN B 84 0.08 7.11 -41.09
C ASN B 84 1.46 6.50 -40.90
N CYS B 85 2.34 7.23 -40.21
CA CYS B 85 3.72 6.80 -40.09
C CYS B 85 3.89 5.63 -39.13
N LYS B 86 2.99 5.45 -38.16
CA LYS B 86 3.14 4.35 -37.21
C LYS B 86 1.79 3.71 -36.96
N LYS B 87 1.83 2.45 -36.54
CA LYS B 87 0.65 1.67 -36.15
C LYS B 87 0.85 1.20 -34.72
N ILE B 88 0.39 2.00 -33.76
CA ILE B 88 0.60 1.72 -32.35
C ILE B 88 -0.43 0.69 -31.87
N ILE B 89 0.03 -0.28 -31.10
CA ILE B 89 -0.82 -1.14 -30.30
C ILE B 89 -0.83 -0.59 -28.88
N PRO B 90 -1.96 -0.13 -28.35
CA PRO B 90 -1.92 0.55 -27.05
C PRO B 90 -1.39 -0.32 -25.92
N GLU B 91 -1.63 -1.63 -25.96
CA GLU B 91 -1.14 -2.49 -24.88
C GLU B 91 0.38 -2.46 -24.80
N ASP B 92 1.06 -2.46 -25.94
CA ASP B 92 2.51 -2.38 -25.98
C ASP B 92 3.03 -0.95 -25.91
N ASN B 93 2.15 0.04 -26.01
CA ASN B 93 2.54 1.45 -25.98
C ASN B 93 1.56 2.25 -25.12
N LYS B 94 1.31 1.76 -23.90
CA LYS B 94 0.32 2.39 -23.03
C LYS B 94 0.60 3.88 -22.84
N ASP B 95 1.87 4.25 -22.71
CA ASP B 95 2.20 5.66 -22.48
C ASP B 95 1.92 6.53 -23.69
N TYR B 96 1.86 5.98 -24.90
CA TYR B 96 1.47 6.74 -26.07
C TYR B 96 -0.04 6.95 -26.10
N PHE B 97 -0.79 5.85 -26.00
CA PHE B 97 -2.24 5.93 -26.09
C PHE B 97 -2.82 6.76 -24.97
N SER B 98 -2.27 6.65 -23.76
CA SER B 98 -2.80 7.42 -22.65
C SER B 98 -2.71 8.92 -22.92
N GLN B 99 -1.55 9.37 -23.39
CA GLN B 99 -1.38 10.81 -23.65
C GLN B 99 -2.26 11.27 -24.81
N ILE B 100 -2.34 10.46 -25.89
CA ILE B 100 -3.21 10.85 -26.99
C ILE B 100 -4.65 10.95 -26.53
N PHE B 101 -5.10 9.98 -25.73
CA PHE B 101 -6.47 10.00 -25.23
C PHE B 101 -6.72 11.20 -24.33
N LEU B 102 -5.74 11.55 -23.49
CA LEU B 102 -5.93 12.71 -22.63
C LEU B 102 -6.04 13.99 -23.45
N ASN B 103 -5.22 14.14 -24.49
CA ASN B 103 -5.35 15.32 -25.34
C ASN B 103 -6.70 15.36 -26.05
N ALA B 104 -7.18 14.20 -26.50
CA ALA B 104 -8.50 14.16 -27.14
C ALA B 104 -9.59 14.55 -26.15
N LEU B 105 -9.51 14.05 -24.91
CA LEU B 105 -10.50 14.39 -23.90
C LEU B 105 -10.47 15.88 -23.59
N ARG B 106 -9.28 16.46 -23.50
CA ARG B 106 -9.16 17.90 -23.29
C ARG B 106 -9.81 18.66 -24.45
N TYR B 107 -9.62 18.18 -25.67
CA TYR B 107 -10.28 18.82 -26.81
C TYR B 107 -11.79 18.77 -26.67
N VAL B 108 -12.33 17.61 -26.28
CA VAL B 108 -13.78 17.47 -26.14
C VAL B 108 -14.30 18.46 -25.09
N ILE B 109 -13.64 18.52 -23.94
CA ILE B 109 -14.11 19.41 -22.88
C ILE B 109 -13.99 20.86 -23.33
N TYR B 110 -12.90 21.22 -24.01
CA TYR B 110 -12.73 22.58 -24.49
C TYR B 110 -13.86 22.95 -25.45
N GLN B 111 -14.23 22.03 -26.33
CA GLN B 111 -15.33 22.31 -27.26
C GLN B 111 -16.65 22.50 -26.53
N LYS B 112 -16.91 21.72 -25.48
CA LYS B 112 -18.17 21.87 -24.74
C LYS B 112 -18.17 23.03 -23.75
N LEU B 113 -17.01 23.63 -23.47
CA LEU B 113 -16.96 24.68 -22.46
C LEU B 113 -17.85 25.86 -22.82
N GLU B 114 -17.88 26.24 -24.10
CA GLU B 114 -18.70 27.39 -24.49
C GLU B 114 -20.16 27.16 -24.16
N ASP B 115 -20.68 25.97 -24.49
CA ASP B 115 -22.06 25.63 -24.14
C ASP B 115 -22.24 25.61 -22.64
N ILE B 116 -21.29 25.01 -21.91
CA ILE B 116 -21.44 24.86 -20.46
C ILE B 116 -21.56 26.24 -19.81
N ASN B 117 -20.70 27.17 -20.22
CA ASN B 117 -20.63 28.49 -19.62
C ASN B 117 -21.49 29.49 -20.41
N LYS B 118 -22.79 29.22 -20.42
CA LYS B 118 -23.75 30.04 -21.15
C LYS B 118 -24.58 30.92 -20.21
N ASP B 119 -25.19 30.31 -19.19
CA ASP B 119 -26.09 31.02 -18.30
C ASP B 119 -25.71 30.82 -16.84
N LYS B 120 -24.42 30.91 -16.52
CA LYS B 120 -23.93 30.67 -15.17
C LYS B 120 -23.14 31.88 -14.69
N LYS B 121 -23.04 32.01 -13.38
CA LYS B 121 -22.31 33.11 -12.79
C LYS B 121 -20.82 32.99 -13.11
N GLU B 122 -20.13 34.13 -13.07
CA GLU B 122 -18.71 34.16 -13.41
C GLU B 122 -17.86 33.36 -12.44
N ASN B 123 -18.32 33.20 -11.19
CA ASN B 123 -17.60 32.38 -10.23
C ASN B 123 -17.98 30.91 -10.32
N GLU B 124 -18.98 30.58 -11.12
CA GLU B 124 -19.47 29.21 -11.27
C GLU B 124 -19.18 28.65 -12.65
N ARG B 125 -18.17 29.20 -13.34
CA ARG B 125 -17.84 28.82 -14.70
C ARG B 125 -16.67 27.85 -14.68
N TRP B 126 -16.76 26.82 -15.54
CA TRP B 126 -15.77 25.74 -15.57
C TRP B 126 -14.58 26.12 -16.42
N THR B 127 -13.41 25.60 -16.05
CA THR B 127 -12.18 25.81 -16.79
C THR B 127 -11.37 24.52 -16.75
N ILE B 128 -10.21 24.53 -17.41
CA ILE B 128 -9.30 23.40 -17.44
C ILE B 128 -7.95 23.85 -16.92
N ASN B 129 -7.37 23.09 -16.01
CA ASN B 129 -6.07 23.40 -15.44
C ASN B 129 -5.07 22.29 -15.75
N GLY B 134 -3.08 14.37 -16.33
CA GLY B 134 -4.51 14.17 -16.51
C GLY B 134 -5.22 15.45 -16.94
N VAL B 135 -6.54 15.43 -16.86
CA VAL B 135 -7.37 16.58 -17.22
C VAL B 135 -8.18 16.95 -15.99
N TYR B 136 -8.03 18.19 -15.52
CA TYR B 136 -8.76 18.69 -14.36
C TYR B 136 -9.70 19.80 -14.78
N ILE B 137 -10.95 19.71 -14.33
CA ILE B 137 -11.96 20.74 -14.55
C ILE B 137 -12.19 21.42 -13.22
N CYS B 138 -11.49 22.51 -12.97
CA CYS B 138 -11.68 23.30 -11.75
C CYS B 138 -13.04 23.97 -11.85
N LYS B 139 -14.02 23.41 -11.14
CA LYS B 139 -15.43 23.73 -11.36
C LYS B 139 -15.98 24.77 -10.39
N GLU B 140 -15.57 24.74 -9.12
CA GLU B 140 -16.11 25.67 -8.13
C GLU B 140 -14.96 26.16 -7.27
N ARG B 141 -14.58 27.43 -7.45
CA ARG B 141 -13.47 28.01 -6.72
C ARG B 141 -13.97 28.86 -5.56
N TYR B 142 -13.20 28.87 -4.48
CA TYR B 142 -13.53 29.65 -3.29
C TYR B 142 -12.46 30.70 -3.05
N ILE B 149 -7.94 27.29 -3.58
CA ILE B 149 -8.72 26.07 -3.43
C ILE B 149 -9.94 26.11 -4.36
N CYS B 150 -10.00 25.17 -5.31
CA CYS B 150 -11.24 24.94 -6.04
C CYS B 150 -11.50 23.45 -6.15
N VAL B 151 -12.78 23.08 -6.13
CA VAL B 151 -13.23 21.71 -6.25
C VAL B 151 -13.55 21.44 -7.71
N GLY B 152 -13.06 20.31 -8.22
CA GLY B 152 -13.24 19.99 -9.62
C GLY B 152 -13.25 18.50 -9.88
N ALA B 153 -13.25 18.11 -11.15
CA ALA B 153 -13.24 16.71 -11.55
C ALA B 153 -11.92 16.41 -12.24
N LYS B 154 -11.19 15.42 -11.73
CA LYS B 154 -9.94 14.98 -12.30
C LYS B 154 -10.17 13.68 -13.08
N PHE B 155 -9.54 13.60 -14.25
CA PHE B 155 -9.64 12.46 -15.15
C PHE B 155 -8.32 11.73 -15.23
N THR B 156 -8.38 10.40 -15.15
CA THR B 156 -7.21 9.55 -15.29
C THR B 156 -7.50 8.49 -16.35
N ILE B 157 -6.49 8.14 -17.13
CA ILE B 157 -6.61 7.14 -18.19
C ILE B 157 -5.60 6.03 -17.93
N LYS B 158 -6.05 4.79 -17.99
CA LYS B 158 -5.19 3.63 -17.86
C LYS B 158 -5.49 2.64 -18.98
N VAL B 159 -4.43 2.08 -19.56
CA VAL B 159 -4.56 1.03 -20.57
C VAL B 159 -4.32 -0.31 -19.87
N PHE B 160 -5.32 -1.17 -19.90
CA PHE B 160 -5.25 -2.47 -19.25
C PHE B 160 -5.91 -3.50 -20.15
N ASP B 161 -5.21 -4.60 -20.41
CA ASP B 161 -5.75 -5.67 -21.24
C ASP B 161 -6.06 -5.19 -22.65
N ASN B 162 -5.30 -4.21 -23.12
CA ASN B 162 -5.55 -3.60 -24.43
C ASN B 162 -6.91 -2.92 -24.47
N LYS B 163 -7.31 -2.32 -23.36
CA LYS B 163 -8.54 -1.54 -23.29
C LYS B 163 -8.26 -0.25 -22.53
N ALA B 164 -9.08 0.76 -22.79
CA ALA B 164 -8.95 2.07 -22.17
C ALA B 164 -9.93 2.20 -21.01
N GLU B 165 -9.45 2.75 -19.90
CA GLU B 165 -10.25 2.96 -18.71
C GLU B 165 -10.09 4.41 -18.28
N LEU B 166 -11.19 5.12 -18.13
CA LEU B 166 -11.23 6.51 -17.73
C LEU B 166 -11.90 6.62 -16.36
N TYR B 167 -11.19 7.24 -15.42
CA TYR B 167 -11.68 7.48 -14.07
C TYR B 167 -11.90 8.96 -13.88
N VAL B 168 -13.06 9.33 -13.35
CA VAL B 168 -13.38 10.71 -13.02
C VAL B 168 -13.65 10.78 -11.53
N ASP B 169 -12.93 11.66 -10.82
CA ASP B 169 -13.06 11.77 -9.38
C ASP B 169 -13.10 13.23 -8.96
N ARG B 170 -13.89 13.51 -7.93
CA ARG B 170 -13.92 14.83 -7.34
C ARG B 170 -12.63 15.08 -6.56
N LYS B 171 -11.95 16.19 -6.86
CA LYS B 171 -10.70 16.54 -6.21
C LYS B 171 -10.73 18.01 -5.82
N LEU B 172 -9.76 18.40 -4.99
CA LEU B 172 -9.61 19.77 -4.52
C LEU B 172 -8.19 20.25 -4.79
N LYS B 173 -8.07 21.45 -5.34
CA LYS B 173 -6.78 22.05 -5.62
C LYS B 173 -6.68 23.43 -4.97
N SER B 193 -12.58 18.53 1.97
CA SER B 193 -12.05 17.57 1.01
C SER B 193 -12.78 16.25 1.13
N VAL B 194 -12.80 15.69 2.34
CA VAL B 194 -13.54 14.46 2.58
C VAL B 194 -15.02 14.78 2.60
N VAL B 195 -15.78 14.14 1.70
CA VAL B 195 -17.20 14.41 1.54
C VAL B 195 -17.93 13.08 1.43
N GLU B 196 -19.24 13.14 1.68
CA GLU B 196 -20.05 11.94 1.63
C GLU B 196 -20.02 11.35 0.23
N PRO B 197 -20.26 10.04 0.10
CA PRO B 197 -20.31 9.45 -1.25
C PRO B 197 -21.34 10.11 -2.16
N LYS B 198 -22.45 10.59 -1.60
CA LYS B 198 -23.47 11.22 -2.44
C LYS B 198 -22.97 12.51 -3.07
N THR B 199 -22.27 13.34 -2.30
CA THR B 199 -21.76 14.60 -2.84
C THR B 199 -20.65 14.39 -3.86
N ARG B 200 -20.10 13.18 -3.94
CA ARG B 200 -19.14 12.83 -4.98
C ARG B 200 -19.83 12.26 -6.20
N TYR B 201 -20.81 11.38 -5.99
CA TYR B 201 -21.56 10.80 -7.10
C TYR B 201 -22.31 11.87 -7.87
N GLU B 202 -23.00 12.77 -7.16
CA GLU B 202 -23.73 13.86 -7.81
C GLU B 202 -22.80 14.89 -8.43
N PHE B 203 -21.53 14.92 -8.04
CA PHE B 203 -20.58 15.82 -8.65
C PHE B 203 -20.04 15.24 -9.96
N ILE B 204 -19.66 13.95 -9.94
CA ILE B 204 -19.20 13.33 -11.17
C ILE B 204 -20.35 13.24 -12.17
N ARG B 205 -21.58 13.05 -11.69
CA ARG B 205 -22.71 13.01 -12.61
C ARG B 205 -22.87 14.35 -13.32
N GLU B 206 -22.76 15.44 -12.59
CA GLU B 206 -22.88 16.76 -13.22
C GLU B 206 -21.78 16.97 -14.24
N ILE B 207 -20.52 16.67 -13.85
CA ILE B 207 -19.42 16.95 -14.77
C ILE B 207 -19.56 16.12 -16.04
N ILE B 208 -19.98 14.86 -15.92
CA ILE B 208 -20.09 14.01 -17.10
C ILE B 208 -21.30 14.38 -17.95
N GLN B 209 -22.42 14.74 -17.31
CA GLN B 209 -23.60 15.13 -18.08
C GLN B 209 -23.37 16.42 -18.83
N GLU B 210 -22.57 17.33 -18.27
CA GLU B 210 -22.24 18.58 -18.95
C GLU B 210 -21.08 18.42 -19.92
N ILE B 211 -20.73 17.20 -20.28
CA ILE B 211 -19.68 16.94 -21.27
C ILE B 211 -20.27 16.10 -22.38
N SER B 212 -20.86 14.96 -22.03
CA SER B 212 -21.41 14.05 -23.01
C SER B 212 -22.92 14.12 -23.13
N GLY B 213 -23.60 14.78 -22.19
CA GLY B 213 -25.04 14.83 -22.19
C GLY B 213 -25.71 13.61 -21.61
N ASN B 214 -24.95 12.56 -21.32
CA ASN B 214 -25.48 11.38 -20.66
C ASN B 214 -24.41 10.83 -19.73
N PHE B 215 -24.82 10.44 -18.52
CA PHE B 215 -23.84 10.05 -17.51
C PHE B 215 -23.23 8.69 -17.78
N ASP B 216 -23.87 7.86 -18.59
CA ASP B 216 -23.49 6.45 -18.72
C ASP B 216 -22.53 6.19 -19.88
N TYR B 217 -22.04 7.22 -20.55
CA TYR B 217 -21.12 7.02 -21.66
C TYR B 217 -20.32 8.29 -21.90
N ILE B 218 -19.31 8.16 -22.75
CA ILE B 218 -18.56 9.30 -23.25
C ILE B 218 -17.77 8.84 -24.46
N ASN B 219 -17.73 9.70 -25.48
CA ASN B 219 -17.07 9.39 -26.75
C ASN B 219 -15.93 10.37 -26.94
N ILE B 220 -14.70 9.86 -26.94
CA ILE B 220 -13.51 10.67 -27.18
C ILE B 220 -13.05 10.39 -28.60
N LYS B 221 -13.08 11.39 -29.46
CA LYS B 221 -12.70 11.21 -30.86
C LYS B 221 -11.20 11.41 -31.00
N LEU B 222 -10.51 10.37 -31.48
CA LEU B 222 -9.08 10.44 -31.71
C LEU B 222 -8.74 10.87 -33.13
N SER B 223 -9.58 10.55 -34.10
CA SER B 223 -9.34 10.96 -35.49
C SER B 223 -10.59 10.69 -36.29
N LYS B 224 -10.50 10.95 -37.60
CA LYS B 224 -11.65 10.75 -38.49
C LYS B 224 -12.14 9.31 -38.46
N ASP B 225 -11.25 8.36 -38.18
CA ASP B 225 -11.58 6.95 -38.26
C ASP B 225 -11.55 6.23 -36.91
N TYR B 226 -11.04 6.86 -35.87
CA TYR B 226 -10.89 6.22 -34.56
C TYR B 226 -11.60 7.04 -33.50
N THR B 227 -12.56 6.42 -32.81
CA THR B 227 -13.30 7.05 -31.73
C THR B 227 -13.40 6.07 -30.57
N VAL B 228 -12.86 6.44 -29.42
CA VAL B 228 -12.93 5.62 -28.23
C VAL B 228 -14.30 5.85 -27.58
N ASN B 229 -15.13 4.82 -27.57
CA ASN B 229 -16.45 4.88 -26.96
C ASN B 229 -16.38 4.17 -25.61
N MET B 230 -16.60 4.91 -24.53
CA MET B 230 -16.49 4.41 -23.17
C MET B 230 -17.86 4.42 -22.52
N THR B 231 -18.16 3.37 -21.76
CA THR B 231 -19.42 3.25 -21.04
C THR B 231 -19.15 3.06 -19.56
N ARG B 232 -19.91 3.75 -18.73
CA ARG B 232 -19.80 3.57 -17.29
C ARG B 232 -20.01 2.11 -16.94
N THR B 233 -19.16 1.59 -16.08
CA THR B 233 -19.13 0.16 -15.77
C THR B 233 -19.83 -0.11 -14.45
N LYS B 234 -20.79 -1.03 -14.48
CA LYS B 234 -21.51 -1.48 -13.31
C LYS B 234 -20.93 -2.83 -12.90
N LEU B 235 -20.06 -2.83 -11.91
CA LEU B 235 -19.36 -4.05 -11.50
C LEU B 235 -20.38 -5.04 -10.96
N ASN B 236 -20.61 -6.12 -11.71
CA ASN B 236 -21.52 -7.15 -11.25
C ASN B 236 -20.98 -7.79 -9.98
N GLU B 237 -21.86 -7.95 -8.98
CA GLU B 237 -21.46 -8.54 -7.71
C GLU B 237 -20.81 -9.89 -7.92
#